data_4YV4
#
_entry.id   4YV4
#
_cell.length_a   46.600
_cell.length_b   55.070
_cell.length_c   191.530
_cell.angle_alpha   90.00
_cell.angle_beta   90.00
_cell.angle_gamma   90.00
#
_symmetry.space_group_name_H-M   'P 21 21 21'
#
loop_
_entity.id
_entity.type
_entity.pdbx_description
1 polymer 'Spindle assembly abnormal protein 5'
2 non-polymer 'PHOSPHATE ION'
3 non-polymer 'SULFATE ION'
4 water water
#
_entity_poly.entity_id   1
_entity_poly.type   'polypeptide(L)'
_entity_poly.pdbx_seq_one_letter_code
;GPTEEQAAENWRDAMKTELQTIRTEIQEETARRQEELNAQNLVKMQELMSNFFQKITI
;
_entity_poly.pdbx_strand_id   A,B,C,D,E,F,G,H
#
# COMPACT_ATOMS: atom_id res chain seq x y z
N ALA A 7 -32.28 -6.48 14.91
CA ALA A 7 -31.07 -6.88 14.20
C ALA A 7 -30.61 -5.82 13.21
N ALA A 8 -31.58 -5.14 12.53
CA ALA A 8 -31.30 -4.07 11.57
C ALA A 8 -30.69 -2.88 12.31
N GLU A 9 -31.23 -2.55 13.51
CA GLU A 9 -30.76 -1.49 14.37
C GLU A 9 -29.35 -1.78 14.88
N ASN A 10 -29.06 -3.06 15.24
CA ASN A 10 -27.74 -3.49 15.71
C ASN A 10 -26.70 -3.37 14.59
N TRP A 11 -27.11 -3.71 13.35
CA TRP A 11 -26.31 -3.61 12.13
C TRP A 11 -25.98 -2.14 11.84
N ARG A 12 -26.97 -1.25 12.07
CA ARG A 12 -26.84 0.20 11.88
C ARG A 12 -25.81 0.77 12.85
N ASP A 13 -25.86 0.31 14.12
CA ASP A 13 -24.97 0.70 15.21
C ASP A 13 -23.54 0.24 14.93
N ALA A 14 -23.38 -0.99 14.43
CA ALA A 14 -22.08 -1.57 14.08
C ALA A 14 -21.41 -0.74 12.95
N MET A 15 -22.21 -0.29 11.96
CA MET A 15 -21.74 0.54 10.85
C MET A 15 -21.38 1.92 11.33
N LYS A 16 -22.12 2.44 12.33
CA LYS A 16 -21.94 3.75 12.94
C LYS A 16 -20.62 3.91 13.70
N THR A 17 -20.29 2.97 14.62
CA THR A 17 -19.06 2.97 15.42
C THR A 17 -17.79 2.89 14.55
N GLU A 18 -17.85 2.17 13.41
CA GLU A 18 -16.71 2.07 12.52
C GLU A 18 -16.59 3.32 11.66
N LEU A 19 -17.74 3.91 11.26
CA LEU A 19 -17.72 5.15 10.48
C LEU A 19 -17.08 6.25 11.30
N GLN A 20 -17.28 6.21 12.64
CA GLN A 20 -16.73 7.17 13.60
C GLN A 20 -15.22 7.03 13.72
N THR A 21 -14.72 5.79 13.76
CA THR A 21 -13.27 5.53 13.84
C THR A 21 -12.57 6.02 12.57
N ILE A 22 -13.18 5.74 11.40
CA ILE A 22 -12.65 6.15 10.10
C ILE A 22 -12.65 7.68 10.04
N ARG A 23 -13.71 8.31 10.56
CA ARG A 23 -13.78 9.78 10.55
C ARG A 23 -12.74 10.41 11.43
N THR A 24 -12.54 9.89 12.62
CA THR A 24 -11.52 10.40 13.55
C THR A 24 -10.11 10.23 12.96
N GLU A 25 -9.81 9.05 12.37
CA GLU A 25 -8.51 8.83 11.74
C GLU A 25 -8.26 9.81 10.59
N ILE A 26 -9.26 10.04 9.71
CA ILE A 26 -9.14 11.02 8.62
C ILE A 26 -8.92 12.44 9.17
N GLN A 27 -9.71 12.85 10.18
CA GLN A 27 -9.60 14.17 10.80
C GLN A 27 -8.21 14.40 11.42
N GLU A 28 -7.70 13.41 12.16
CA GLU A 28 -6.37 13.49 12.79
C GLU A 28 -5.25 13.58 11.75
N GLU A 29 -5.35 12.80 10.66
CA GLU A 29 -4.36 12.81 9.59
C GLU A 29 -4.39 14.17 8.86
N THR A 30 -5.60 14.68 8.59
CA THR A 30 -5.79 15.99 7.95
C THR A 30 -5.10 17.10 8.77
N ALA A 31 -5.35 17.11 10.10
CA ALA A 31 -4.80 18.11 11.03
C ALA A 31 -3.29 18.13 11.01
N ARG A 32 -2.66 16.95 11.02
CA ARG A 32 -1.22 16.77 10.95
C ARG A 32 -0.65 17.29 9.62
N ARG A 33 -1.25 16.91 8.49
CA ARG A 33 -0.83 17.32 7.15
C ARG A 33 -0.94 18.81 6.91
N GLN A 34 -2.01 19.43 7.44
CA GLN A 34 -2.22 20.87 7.26
C GLN A 34 -1.27 21.71 8.13
N GLU A 35 -0.89 21.21 9.31
CA GLU A 35 0.11 21.83 10.18
C GLU A 35 1.46 21.83 9.43
N GLU A 36 1.82 20.68 8.82
CA GLU A 36 3.04 20.49 8.04
C GLU A 36 3.04 21.43 6.84
N LEU A 37 1.86 21.62 6.20
CA LEU A 37 1.75 22.53 5.05
C LEU A 37 2.04 23.97 5.49
N ASN A 38 1.55 24.39 6.68
CA ASN A 38 1.81 25.74 7.17
C ASN A 38 3.35 25.99 7.33
N ALA A 39 4.05 25.00 7.93
CA ALA A 39 5.49 24.99 8.15
C ALA A 39 6.25 25.10 6.82
N GLN A 40 5.82 24.33 5.77
CA GLN A 40 6.40 24.36 4.41
C GLN A 40 6.16 25.71 3.74
N ASN A 41 4.96 26.30 3.88
CA ASN A 41 4.62 27.61 3.31
C ASN A 41 5.51 28.69 3.89
N LEU A 42 5.85 28.61 5.20
CA LEU A 42 6.72 29.59 5.85
C LEU A 42 8.15 29.50 5.30
N VAL A 43 8.64 28.25 5.10
CA VAL A 43 9.98 27.98 4.52
C VAL A 43 10.02 28.49 3.08
N LYS A 44 8.95 28.21 2.31
CA LYS A 44 8.80 28.61 0.90
C LYS A 44 8.71 30.14 0.76
N MET A 45 8.13 30.84 1.74
CA MET A 45 8.05 32.30 1.73
C MET A 45 9.41 32.93 2.09
N GLN A 46 10.10 32.38 3.12
CA GLN A 46 11.43 32.85 3.54
C GLN A 46 12.45 32.59 2.44
N GLU A 47 12.21 31.55 1.62
CA GLU A 47 13.03 31.17 0.48
C GLU A 47 12.87 32.25 -0.60
N LEU A 48 11.63 32.37 -1.14
CA LEU A 48 11.18 33.33 -2.17
C LEU A 48 11.57 34.80 -1.90
N MET A 49 11.53 35.22 -0.62
CA MET A 49 11.89 36.57 -0.19
C MET A 49 13.40 36.83 -0.32
N SER A 50 14.24 35.91 0.21
CA SER A 50 15.71 36.01 0.14
C SER A 50 16.23 35.72 -1.28
N ASN A 51 15.45 34.94 -2.07
CA ASN A 51 15.71 34.56 -3.46
C ASN A 51 15.63 35.79 -4.38
N PHE A 52 14.95 36.87 -3.93
CA PHE A 52 14.79 38.12 -4.67
C PHE A 52 15.88 39.13 -4.30
N PHE A 53 16.25 39.21 -3.01
CA PHE A 53 17.26 40.15 -2.51
C PHE A 53 18.58 39.42 -2.20
N ALA B 7 38.98 28.33 -18.15
CA ALA B 7 37.69 28.81 -18.64
C ALA B 7 36.76 27.67 -19.07
N ALA B 8 37.33 26.62 -19.70
CA ALA B 8 36.60 25.43 -20.13
C ALA B 8 36.04 24.69 -18.90
N GLU B 9 36.88 24.58 -17.83
CA GLU B 9 36.51 23.95 -16.57
C GLU B 9 35.41 24.73 -15.86
N ASN B 10 35.47 26.08 -15.92
CA ASN B 10 34.45 26.95 -15.33
C ASN B 10 33.09 26.80 -15.99
N TRP B 11 33.00 26.70 -17.35
CA TRP B 11 31.73 26.50 -18.06
C TRP B 11 31.16 25.13 -17.71
N ARG B 12 32.01 24.09 -17.79
CA ARG B 12 31.65 22.69 -17.48
C ARG B 12 30.92 22.65 -16.15
N ASP B 13 31.47 23.39 -15.16
CA ASP B 13 30.94 23.49 -13.82
C ASP B 13 29.63 24.28 -13.80
N ALA B 14 29.58 25.45 -14.48
CA ALA B 14 28.41 26.33 -14.55
C ALA B 14 27.21 25.65 -15.20
N MET B 15 27.41 24.94 -16.32
CA MET B 15 26.32 24.24 -17.00
C MET B 15 25.82 23.02 -16.21
N LYS B 16 26.74 22.31 -15.50
CA LYS B 16 26.34 21.18 -14.65
C LYS B 16 25.44 21.68 -13.53
N THR B 17 25.85 22.81 -12.91
CA THR B 17 25.13 23.47 -11.81
C THR B 17 23.76 23.90 -12.27
N GLU B 18 23.65 24.55 -13.45
CA GLU B 18 22.38 25.04 -13.98
C GLU B 18 21.40 23.90 -14.24
N LEU B 19 21.88 22.78 -14.82
CA LEU B 19 21.02 21.63 -15.10
C LEU B 19 20.57 20.94 -13.82
N GLN B 20 21.48 20.88 -12.84
CA GLN B 20 21.16 20.28 -11.54
C GLN B 20 20.14 21.15 -10.80
N THR B 21 20.25 22.48 -10.92
CA THR B 21 19.33 23.44 -10.30
C THR B 21 17.93 23.29 -10.87
N ILE B 22 17.80 23.15 -12.19
CA ILE B 22 16.53 22.96 -12.87
C ILE B 22 15.84 21.70 -12.32
N ARG B 23 16.59 20.57 -12.33
CA ARG B 23 16.12 19.27 -11.87
C ARG B 23 15.62 19.35 -10.41
N THR B 24 16.42 19.94 -9.52
CA THR B 24 16.11 20.07 -8.09
C THR B 24 14.90 20.93 -7.86
N GLU B 25 14.83 22.11 -8.51
CA GLU B 25 13.70 23.02 -8.36
C GLU B 25 12.40 22.41 -8.81
N ILE B 26 12.38 21.72 -9.98
CA ILE B 26 11.15 21.06 -10.45
C ILE B 26 10.73 19.94 -9.47
N GLN B 27 11.68 19.11 -9.04
CA GLN B 27 11.37 18.02 -8.10
C GLN B 27 10.85 18.52 -6.76
N GLU B 28 11.45 19.61 -6.20
CA GLU B 28 11.00 20.19 -4.94
C GLU B 28 9.62 20.83 -5.05
N GLU B 29 9.32 21.48 -6.20
CA GLU B 29 8.01 22.06 -6.42
C GLU B 29 6.95 20.97 -6.58
N THR B 30 7.31 19.87 -7.29
CA THR B 30 6.41 18.73 -7.46
C THR B 30 6.04 18.10 -6.11
N ALA B 31 7.04 17.95 -5.22
CA ALA B 31 6.86 17.36 -3.88
C ALA B 31 5.97 18.25 -3.01
N ARG B 32 6.19 19.57 -3.11
CA ARG B 32 5.41 20.58 -2.39
C ARG B 32 3.94 20.51 -2.87
N ARG B 33 3.70 20.40 -4.22
CA ARG B 33 2.33 20.24 -4.70
C ARG B 33 1.71 18.91 -4.25
N GLN B 34 2.50 17.83 -4.19
CA GLN B 34 2.01 16.55 -3.72
C GLN B 34 1.40 16.66 -2.30
N GLU B 35 2.07 17.37 -1.39
CA GLU B 35 1.56 17.57 -0.04
C GLU B 35 0.23 18.31 -0.03
N GLU B 36 0.07 19.32 -0.92
CA GLU B 36 -1.20 20.07 -1.02
C GLU B 36 -2.31 19.15 -1.52
N LEU B 37 -2.00 18.30 -2.52
CA LEU B 37 -2.94 17.32 -3.06
C LEU B 37 -3.32 16.27 -2.02
N ASN B 38 -2.38 15.82 -1.21
CA ASN B 38 -2.65 14.84 -0.14
C ASN B 38 -3.67 15.39 0.87
N ALA B 39 -3.48 16.65 1.30
CA ALA B 39 -4.38 17.30 2.24
C ALA B 39 -5.80 17.52 1.63
N GLN B 40 -5.87 17.93 0.34
CA GLN B 40 -7.14 18.09 -0.38
C GLN B 40 -7.88 16.76 -0.46
N ASN B 41 -7.16 15.64 -0.77
CA ASN B 41 -7.77 14.32 -0.87
C ASN B 41 -8.38 13.90 0.43
N LEU B 42 -7.68 14.15 1.55
CA LEU B 42 -8.18 13.81 2.88
C LEU B 42 -9.45 14.59 3.24
N VAL B 43 -9.51 15.88 2.89
CA VAL B 43 -10.69 16.74 3.13
C VAL B 43 -11.89 16.23 2.29
N LYS B 44 -11.64 15.80 1.05
CA LYS B 44 -12.71 15.22 0.20
C LYS B 44 -13.20 13.87 0.77
N MET B 45 -12.31 13.04 1.30
CA MET B 45 -12.70 11.78 1.93
C MET B 45 -13.54 12.04 3.18
N GLN B 46 -13.22 13.12 3.91
CA GLN B 46 -13.95 13.56 5.10
C GLN B 46 -15.41 13.91 4.71
N GLU B 47 -15.62 14.63 3.58
CA GLU B 47 -16.95 15.02 3.05
C GLU B 47 -17.77 13.78 2.70
N LEU B 48 -17.14 12.81 2.04
CA LEU B 48 -17.71 11.52 1.65
C LEU B 48 -18.19 10.74 2.90
N MET B 49 -17.31 10.61 3.93
CA MET B 49 -17.63 9.93 5.20
C MET B 49 -18.77 10.60 5.98
N SER B 50 -18.80 11.94 6.00
CA SER B 50 -19.84 12.71 6.67
C SER B 50 -21.18 12.50 5.96
N ASN B 51 -21.17 12.40 4.61
CA ASN B 51 -22.37 12.14 3.80
C ASN B 51 -22.92 10.73 4.08
N PHE B 52 -22.02 9.72 4.19
CA PHE B 52 -22.41 8.36 4.52
C PHE B 52 -23.07 8.33 5.90
N PHE B 53 -22.46 9.04 6.87
CA PHE B 53 -22.93 9.12 8.26
C PHE B 53 -24.29 9.80 8.35
N GLN B 54 -24.49 10.89 7.56
CA GLN B 54 -25.74 11.64 7.49
C GLN B 54 -26.88 10.74 6.99
N LYS B 55 -26.59 9.90 5.97
CA LYS B 55 -27.53 8.94 5.38
C LYS B 55 -28.03 7.88 6.37
N ILE B 56 -27.17 7.44 7.32
CA ILE B 56 -27.57 6.40 8.29
C ILE B 56 -28.07 7.00 9.63
N THR B 57 -28.13 8.33 9.74
CA THR B 57 -28.59 9.07 10.92
C THR B 57 -30.03 9.59 10.69
N GLY C 1 32.34 29.12 -39.75
CA GLY C 1 32.40 28.19 -40.85
C GLY C 1 31.57 26.95 -40.57
N PRO C 2 31.58 25.93 -41.46
CA PRO C 2 30.73 24.76 -41.24
C PRO C 2 31.06 23.92 -40.02
N THR C 3 32.31 23.86 -39.60
CA THR C 3 32.72 23.06 -38.44
C THR C 3 32.08 23.65 -37.19
N GLU C 4 32.17 24.99 -37.01
CA GLU C 4 31.55 25.61 -35.83
C GLU C 4 30.03 25.44 -35.83
N GLU C 5 29.39 25.65 -36.99
CA GLU C 5 27.90 25.54 -37.08
C GLU C 5 27.43 24.13 -36.80
N GLN C 6 28.16 23.11 -37.30
CA GLN C 6 27.80 21.71 -37.01
C GLN C 6 27.97 21.39 -35.51
N ALA C 7 29.12 21.82 -34.94
CA ALA C 7 29.41 21.61 -33.50
C ALA C 7 28.38 22.32 -32.63
N ALA C 8 27.88 23.50 -33.07
CA ALA C 8 26.84 24.23 -32.31
C ALA C 8 25.55 23.43 -32.32
N GLU C 9 25.20 22.85 -33.48
CA GLU C 9 24.01 21.99 -33.63
C GLU C 9 24.12 20.71 -32.76
N ASN C 10 25.33 20.11 -32.68
CA ASN C 10 25.58 18.92 -31.84
C ASN C 10 25.41 19.26 -30.38
N TRP C 11 25.84 20.49 -29.99
CA TRP C 11 25.64 20.93 -28.61
C TRP C 11 24.14 21.13 -28.30
N ARG C 12 23.37 21.74 -29.23
CA ARG C 12 21.91 21.94 -29.04
C ARG C 12 21.24 20.58 -28.87
N ASP C 13 21.67 19.57 -29.65
CA ASP C 13 21.13 18.20 -29.55
C ASP C 13 21.47 17.55 -28.19
N ALA C 14 22.71 17.75 -27.69
CA ALA C 14 23.16 17.26 -26.39
C ALA C 14 22.36 17.89 -25.25
N MET C 15 22.08 19.19 -25.38
CA MET C 15 21.28 19.96 -24.43
C MET C 15 19.83 19.50 -24.38
N LYS C 16 19.23 19.30 -25.57
CA LYS C 16 17.85 18.80 -25.71
C LYS C 16 17.72 17.43 -25.08
N THR C 17 18.73 16.56 -25.27
CA THR C 17 18.74 15.21 -24.69
C THR C 17 18.77 15.27 -23.17
N GLU C 18 19.63 16.12 -22.59
CA GLU C 18 19.74 16.28 -21.14
C GLU C 18 18.43 16.82 -20.54
N LEU C 19 17.79 17.78 -21.21
CA LEU C 19 16.51 18.35 -20.77
C LEU C 19 15.36 17.34 -20.90
N GLN C 20 15.40 16.51 -21.95
CA GLN C 20 14.39 15.46 -22.13
C GLN C 20 14.56 14.36 -21.06
N THR C 21 15.80 14.08 -20.66
CA THR C 21 16.11 13.13 -19.59
C THR C 21 15.57 13.65 -18.25
N ILE C 22 15.75 14.94 -17.96
CA ILE C 22 15.25 15.56 -16.74
C ILE C 22 13.72 15.43 -16.71
N ARG C 23 13.03 15.83 -17.81
CA ARG C 23 11.58 15.76 -17.98
C ARG C 23 11.04 14.33 -17.73
N THR C 24 11.66 13.34 -18.35
CA THR C 24 11.21 11.94 -18.19
C THR C 24 11.44 11.40 -16.82
N GLU C 25 12.63 11.64 -16.26
CA GLU C 25 12.99 11.15 -14.91
C GLU C 25 12.08 11.77 -13.84
N ILE C 26 11.83 13.07 -13.90
CA ILE C 26 10.94 13.75 -12.94
C ILE C 26 9.53 13.22 -13.06
N GLN C 27 9.02 13.05 -14.29
CA GLN C 27 7.66 12.55 -14.48
C GLN C 27 7.48 11.13 -13.97
N GLU C 28 8.46 10.23 -14.27
CA GLU C 28 8.44 8.85 -13.80
C GLU C 28 8.48 8.78 -12.29
N GLU C 29 9.34 9.60 -11.65
CA GLU C 29 9.49 9.62 -10.19
C GLU C 29 8.24 10.17 -9.53
N THR C 30 7.62 11.20 -10.12
CA THR C 30 6.38 11.77 -9.60
C THR C 30 5.26 10.72 -9.59
N ALA C 31 5.03 10.05 -10.73
CA ALA C 31 3.98 9.02 -10.81
C ALA C 31 4.27 7.84 -9.85
N ARG C 32 5.55 7.42 -9.74
CA ARG C 32 5.91 6.34 -8.81
C ARG C 32 5.55 6.70 -7.36
N ARG C 33 5.85 7.95 -6.95
CA ARG C 33 5.54 8.45 -5.60
C ARG C 33 4.03 8.49 -5.36
N GLN C 34 3.27 8.92 -6.37
CA GLN C 34 1.80 8.97 -6.27
C GLN C 34 1.23 7.54 -6.11
N GLU C 35 1.84 6.57 -6.80
CA GLU C 35 1.40 5.17 -6.74
C GLU C 35 1.77 4.53 -5.41
N GLU C 36 2.92 4.89 -4.86
CA GLU C 36 3.34 4.41 -3.55
C GLU C 36 2.41 4.98 -2.47
N LEU C 37 2.06 6.27 -2.54
CA LEU C 37 1.12 6.88 -1.57
C LEU C 37 -0.27 6.25 -1.66
N ASN C 38 -0.74 6.00 -2.88
CA ASN C 38 -2.05 5.41 -3.11
C ASN C 38 -2.07 3.98 -2.49
N ALA C 39 -0.98 3.21 -2.65
CA ALA C 39 -0.88 1.85 -2.08
C ALA C 39 -0.82 1.89 -0.53
N GLN C 40 -0.12 2.88 0.05
CA GLN C 40 -0.08 3.07 1.52
C GLN C 40 -1.50 3.38 2.05
N ASN C 41 -2.26 4.24 1.30
CA ASN C 41 -3.65 4.58 1.69
C ASN C 41 -4.57 3.37 1.63
N LEU C 42 -4.37 2.52 0.63
CA LEU C 42 -5.15 1.27 0.46
C LEU C 42 -4.84 0.27 1.57
N VAL C 43 -3.58 0.14 2.00
CA VAL C 43 -3.20 -0.70 3.16
C VAL C 43 -3.88 -0.18 4.44
N LYS C 44 -3.90 1.14 4.65
CA LYS C 44 -4.60 1.73 5.84
C LYS C 44 -6.11 1.44 5.79
N MET C 45 -6.73 1.58 4.61
CA MET C 45 -8.16 1.33 4.44
C MET C 45 -8.48 -0.13 4.63
N GLN C 46 -7.56 -1.01 4.20
CA GLN C 46 -7.71 -2.43 4.36
C GLN C 46 -7.71 -2.79 5.84
N GLU C 47 -6.82 -2.18 6.63
CA GLU C 47 -6.74 -2.46 8.05
C GLU C 47 -7.96 -1.99 8.81
N LEU C 48 -8.57 -0.91 8.34
CA LEU C 48 -9.82 -0.40 8.91
C LEU C 48 -10.97 -1.37 8.54
N MET C 49 -10.99 -1.84 7.29
CA MET C 49 -11.97 -2.82 6.80
C MET C 49 -11.83 -4.20 7.53
N SER C 50 -10.60 -4.74 7.64
CA SER C 50 -10.34 -6.01 8.34
C SER C 50 -10.89 -5.94 9.79
N ASN C 51 -10.74 -4.77 10.45
CA ASN C 51 -11.20 -4.52 11.81
C ASN C 51 -12.74 -4.54 11.87
N PHE C 52 -13.40 -4.00 10.83
CA PHE C 52 -14.85 -4.01 10.69
C PHE C 52 -15.36 -5.46 10.59
N PHE C 53 -14.69 -6.28 9.76
CA PHE C 53 -14.98 -7.70 9.54
C PHE C 53 -14.98 -8.51 10.84
N GLN C 54 -14.03 -8.23 11.75
CA GLN C 54 -13.91 -8.85 13.06
C GLN C 54 -15.17 -8.58 13.92
N LYS C 55 -15.48 -7.27 14.13
CA LYS C 55 -16.61 -6.77 14.95
C LYS C 55 -17.99 -7.29 14.54
N ILE C 56 -18.16 -7.69 13.28
CA ILE C 56 -19.46 -8.14 12.79
C ILE C 56 -19.53 -9.67 12.50
N THR C 57 -18.51 -10.46 12.94
CA THR C 57 -18.51 -11.91 12.76
C THR C 57 -19.21 -12.59 13.95
N PRO D 2 33.84 44.07 -28.58
CA PRO D 2 32.99 45.28 -28.44
C PRO D 2 31.60 45.00 -29.04
N THR D 3 31.51 44.94 -30.40
CA THR D 3 30.27 44.53 -31.08
C THR D 3 30.13 43.05 -30.76
N GLU D 4 31.28 42.34 -30.66
CA GLU D 4 31.34 40.94 -30.28
C GLU D 4 30.87 40.81 -28.81
N GLU D 5 31.32 41.73 -27.92
CA GLU D 5 30.99 41.75 -26.48
C GLU D 5 29.49 41.86 -26.23
N GLN D 6 28.80 42.80 -26.92
CA GLN D 6 27.34 42.90 -26.77
C GLN D 6 26.60 41.64 -27.34
N ALA D 7 27.06 41.13 -28.50
CA ALA D 7 26.44 39.96 -29.12
C ALA D 7 26.60 38.69 -28.26
N ALA D 8 27.76 38.51 -27.61
CA ALA D 8 28.05 37.38 -26.72
C ALA D 8 27.15 37.46 -25.50
N GLU D 9 26.95 38.67 -24.95
CA GLU D 9 26.07 38.90 -23.80
C GLU D 9 24.60 38.62 -24.18
N ASN D 10 24.19 39.03 -25.39
CA ASN D 10 22.84 38.78 -25.90
C ASN D 10 22.57 37.29 -26.09
N TRP D 11 23.61 36.54 -26.47
N TRP D 11 23.60 36.51 -26.49
CA TRP D 11 23.57 35.10 -26.69
CA TRP D 11 23.48 35.06 -26.65
C TRP D 11 23.40 34.35 -25.37
C TRP D 11 23.28 34.40 -25.31
N ARG D 12 24.11 34.76 -24.31
CA ARG D 12 23.99 34.18 -22.96
C ARG D 12 22.58 34.45 -22.41
N ASP D 13 22.05 35.67 -22.65
CA ASP D 13 20.68 36.07 -22.23
C ASP D 13 19.62 35.25 -22.95
N ALA D 14 19.79 35.01 -24.27
CA ALA D 14 18.86 34.20 -25.08
C ALA D 14 18.83 32.77 -24.59
N MET D 15 20.00 32.23 -24.19
CA MET D 15 20.13 30.88 -23.64
C MET D 15 19.42 30.75 -22.32
N LYS D 16 19.63 31.73 -21.43
CA LYS D 16 18.97 31.76 -20.12
C LYS D 16 17.45 31.84 -20.25
N THR D 17 16.96 32.61 -21.22
CA THR D 17 15.53 32.77 -21.49
C THR D 17 14.93 31.43 -21.97
N GLU D 18 15.62 30.76 -22.90
CA GLU D 18 15.21 29.45 -23.42
C GLU D 18 15.17 28.42 -22.32
N LEU D 19 16.18 28.40 -21.43
CA LEU D 19 16.22 27.44 -20.32
C LEU D 19 15.11 27.73 -19.32
N GLN D 20 14.77 29.01 -19.07
CA GLN D 20 13.68 29.36 -18.17
C GLN D 20 12.32 28.92 -18.77
N THR D 21 12.16 29.08 -20.09
CA THR D 21 10.97 28.63 -20.80
C THR D 21 10.81 27.10 -20.69
N ILE D 22 11.91 26.36 -20.91
CA ILE D 22 11.91 24.90 -20.85
C ILE D 22 11.59 24.46 -19.41
N ARG D 23 12.19 25.11 -18.39
CA ARG D 23 11.94 24.80 -16.99
C ARG D 23 10.44 24.94 -16.65
N THR D 24 9.82 26.08 -17.08
CA THR D 24 8.40 26.35 -16.86
C THR D 24 7.50 25.33 -17.58
N GLU D 25 7.82 25.00 -18.84
CA GLU D 25 7.03 24.03 -19.62
C GLU D 25 7.11 22.62 -18.98
N ILE D 26 8.30 22.20 -18.52
CA ILE D 26 8.44 20.89 -17.85
C ILE D 26 7.67 20.88 -16.54
N GLN D 27 7.79 21.91 -15.68
N GLN D 27 7.80 21.96 -15.76
CA GLN D 27 7.01 21.85 -14.43
CA GLN D 27 7.13 22.20 -14.48
C GLN D 27 5.51 21.90 -14.69
C GLN D 27 5.61 22.09 -14.62
N GLU D 28 5.05 22.74 -15.64
CA GLU D 28 3.60 22.80 -15.94
C GLU D 28 3.07 21.45 -16.46
N GLU D 29 3.84 20.75 -17.30
CA GLU D 29 3.43 19.44 -17.83
C GLU D 29 3.45 18.39 -16.68
N THR D 30 4.47 18.44 -15.83
CA THR D 30 4.58 17.54 -14.68
C THR D 30 3.40 17.76 -13.73
N ALA D 31 3.06 19.04 -13.42
CA ALA D 31 1.93 19.41 -12.56
C ALA D 31 0.62 18.90 -13.14
N ARG D 32 0.46 18.99 -14.47
N ARG D 32 0.42 18.99 -14.47
CA ARG D 32 -0.73 18.55 -15.21
CA ARG D 32 -0.82 18.51 -15.11
C ARG D 32 -0.95 17.02 -15.09
C ARG D 32 -0.97 16.98 -15.01
N ARG D 33 0.09 16.21 -15.29
CA ARG D 33 0.05 14.74 -15.19
C ARG D 33 -0.16 14.34 -13.71
N GLN D 34 0.53 15.03 -12.77
CA GLN D 34 0.35 14.74 -11.33
C GLN D 34 -1.11 15.01 -10.90
N GLU D 35 -1.70 16.11 -11.36
CA GLU D 35 -3.09 16.42 -11.02
C GLU D 35 -4.03 15.41 -11.61
N GLU D 36 -3.82 14.98 -12.86
CA GLU D 36 -4.69 14.00 -13.52
C GLU D 36 -4.60 12.65 -12.82
N LEU D 37 -3.39 12.19 -12.48
CA LEU D 37 -3.27 10.90 -11.75
C LEU D 37 -3.87 10.96 -10.34
N ASN D 38 -3.68 12.07 -9.66
CA ASN D 38 -4.24 12.28 -8.34
C ASN D 38 -5.77 12.21 -8.42
N ALA D 39 -6.37 12.87 -9.42
CA ALA D 39 -7.84 12.89 -9.58
C ALA D 39 -8.38 11.48 -9.91
N GLN D 40 -7.67 10.69 -10.72
CA GLN D 40 -8.03 9.31 -11.05
C GLN D 40 -8.01 8.44 -9.79
N ASN D 41 -6.94 8.57 -8.98
CA ASN D 41 -6.81 7.80 -7.74
C ASN D 41 -7.91 8.15 -6.74
N LEU D 42 -8.26 9.44 -6.66
CA LEU D 42 -9.31 9.91 -5.74
C LEU D 42 -10.68 9.37 -6.15
N VAL D 43 -10.99 9.36 -7.47
CA VAL D 43 -12.24 8.80 -8.01
C VAL D 43 -12.30 7.30 -7.67
N LYS D 44 -11.20 6.56 -7.81
CA LYS D 44 -11.18 5.14 -7.47
C LYS D 44 -11.45 4.93 -6.00
N MET D 45 -10.81 5.70 -5.11
CA MET D 45 -11.00 5.57 -3.67
C MET D 45 -12.47 5.90 -3.27
N GLN D 46 -13.10 6.92 -3.90
CA GLN D 46 -14.48 7.37 -3.62
C GLN D 46 -15.44 6.29 -4.06
N GLU D 47 -15.17 5.70 -5.25
CA GLU D 47 -15.99 4.63 -5.83
C GLU D 47 -15.93 3.39 -4.95
N LEU D 48 -14.71 3.00 -4.51
CA LEU D 48 -14.51 1.86 -3.60
C LEU D 48 -15.33 2.03 -2.35
N MET D 49 -15.26 3.21 -1.72
CA MET D 49 -15.98 3.52 -0.49
C MET D 49 -17.49 3.55 -0.69
N SER D 50 -17.96 4.25 -1.75
CA SER D 50 -19.37 4.38 -2.10
C SER D 50 -20.02 3.04 -2.48
N ASN D 51 -19.36 2.25 -3.37
CA ASN D 51 -19.82 0.94 -3.83
C ASN D 51 -19.95 0.02 -2.61
N PHE D 52 -19.00 0.11 -1.66
CA PHE D 52 -19.00 -0.63 -0.40
C PHE D 52 -20.15 -0.18 0.50
N PHE D 53 -20.32 1.14 0.64
CA PHE D 53 -21.38 1.74 1.47
C PHE D 53 -22.78 1.41 0.93
N GLN D 54 -22.92 1.31 -0.42
CA GLN D 54 -24.16 0.97 -1.12
C GLN D 54 -24.59 -0.46 -0.78
N LYS D 55 -23.62 -1.41 -0.78
CA LYS D 55 -23.88 -2.82 -0.45
C LYS D 55 -24.28 -3.03 1.01
N ILE D 56 -23.87 -2.12 1.93
CA ILE D 56 -24.19 -2.26 3.37
C ILE D 56 -25.40 -1.41 3.82
N THR D 57 -25.90 -0.49 2.96
CA THR D 57 -27.05 0.36 3.31
C THR D 57 -28.35 -0.19 2.69
N GLU E 5 -31.78 -45.11 14.89
CA GLU E 5 -32.74 -44.73 13.86
C GLU E 5 -32.30 -43.48 13.08
N GLN E 6 -33.25 -42.80 12.38
CA GLN E 6 -33.01 -41.59 11.59
C GLN E 6 -32.57 -40.40 12.44
N ALA E 7 -33.04 -40.34 13.71
CA ALA E 7 -32.72 -39.30 14.69
C ALA E 7 -31.22 -39.22 15.00
N ALA E 8 -30.53 -40.38 15.01
CA ALA E 8 -29.09 -40.47 15.23
C ALA E 8 -28.35 -39.87 14.04
N GLU E 9 -28.78 -40.21 12.80
CA GLU E 9 -28.21 -39.72 11.54
C GLU E 9 -28.54 -38.24 11.31
N ASN E 10 -29.65 -37.75 11.91
CA ASN E 10 -30.10 -36.36 11.87
C ASN E 10 -29.12 -35.48 12.66
N TRP E 11 -28.48 -36.08 13.70
CA TRP E 11 -27.45 -35.44 14.51
C TRP E 11 -26.09 -35.68 13.86
N ARG E 12 -25.78 -36.94 13.47
CA ARG E 12 -24.52 -37.36 12.84
C ARG E 12 -24.13 -36.45 11.69
N ASP E 13 -25.12 -36.12 10.82
CA ASP E 13 -24.97 -35.22 9.68
C ASP E 13 -24.79 -33.78 10.16
N ALA E 14 -25.58 -33.34 11.18
CA ALA E 14 -25.54 -31.99 11.73
C ALA E 14 -24.24 -31.63 12.44
N MET E 15 -23.73 -32.50 13.32
CA MET E 15 -22.49 -32.25 14.06
C MET E 15 -21.25 -32.30 13.16
N LYS E 16 -21.19 -33.27 12.22
CA LYS E 16 -20.07 -33.38 11.30
C LYS E 16 -20.02 -32.17 10.36
N THR E 17 -21.20 -31.55 10.09
CA THR E 17 -21.33 -30.35 9.26
C THR E 17 -20.83 -29.14 10.03
N GLU E 18 -21.25 -28.99 11.30
CA GLU E 18 -20.86 -27.87 12.16
C GLU E 18 -19.35 -27.79 12.36
N LEU E 19 -18.70 -28.93 12.62
CA LEU E 19 -17.25 -29.00 12.83
C LEU E 19 -16.48 -28.71 11.55
N GLN E 20 -17.03 -29.17 10.40
CA GLN E 20 -16.43 -28.92 9.11
C GLN E 20 -16.56 -27.44 8.75
N THR E 21 -17.69 -26.80 9.12
CA THR E 21 -17.95 -25.38 8.90
C THR E 21 -16.95 -24.54 9.69
N ILE E 22 -16.67 -24.90 10.95
CA ILE E 22 -15.69 -24.19 11.80
C ILE E 22 -14.31 -24.23 11.12
N ARG E 23 -13.88 -25.44 10.74
CA ARG E 23 -12.60 -25.65 10.08
C ARG E 23 -12.47 -24.80 8.80
N THR E 24 -13.49 -24.84 7.93
CA THR E 24 -13.53 -24.10 6.66
C THR E 24 -13.51 -22.60 6.87
N GLU E 25 -14.34 -22.08 7.79
CA GLU E 25 -14.40 -20.65 8.08
C GLU E 25 -13.08 -20.11 8.60
N ILE E 26 -12.43 -20.84 9.54
CA ILE E 26 -11.13 -20.42 10.07
C ILE E 26 -10.07 -20.42 8.94
N GLN E 27 -10.02 -21.50 8.15
CA GLN E 27 -9.06 -21.60 7.05
C GLN E 27 -9.22 -20.51 6.00
N GLU E 28 -10.47 -20.20 5.61
CA GLU E 28 -10.77 -19.16 4.63
C GLU E 28 -10.40 -17.76 5.16
N GLU E 29 -10.69 -17.49 6.41
CA GLU E 29 -10.38 -16.20 7.03
C GLU E 29 -8.86 -16.03 7.17
N THR E 30 -8.13 -17.13 7.51
CA THR E 30 -6.68 -17.11 7.62
C THR E 30 -6.04 -16.76 6.25
N ALA E 31 -6.59 -17.35 5.15
CA ALA E 31 -6.15 -17.11 3.78
C ALA E 31 -6.43 -15.66 3.42
N ARG E 32 -7.60 -15.13 3.82
CA ARG E 32 -7.96 -13.74 3.56
C ARG E 32 -6.98 -12.77 4.25
N ARG E 33 -6.63 -13.08 5.51
CA ARG E 33 -5.70 -12.28 6.32
C ARG E 33 -4.30 -12.40 5.77
N GLN E 34 -3.96 -13.59 5.21
CA GLN E 34 -2.68 -13.77 4.54
C GLN E 34 -2.51 -12.78 3.35
N GLU E 35 -3.54 -12.60 2.51
CA GLU E 35 -3.51 -11.66 1.39
C GLU E 35 -3.31 -10.20 1.84
N GLU E 36 -3.90 -9.80 2.97
CA GLU E 36 -3.73 -8.47 3.56
C GLU E 36 -2.28 -8.30 4.01
N LEU E 37 -1.72 -9.30 4.67
CA LEU E 37 -0.31 -9.29 5.12
C LEU E 37 0.64 -9.23 3.93
N ASN E 38 0.32 -9.96 2.85
CA ASN E 38 1.16 -9.96 1.62
C ASN E 38 1.23 -8.55 1.00
N ALA E 39 0.07 -7.86 0.92
CA ALA E 39 0.00 -6.50 0.38
C ALA E 39 0.74 -5.49 1.29
N GLN E 40 0.57 -5.60 2.62
CA GLN E 40 1.32 -4.76 3.57
C GLN E 40 2.85 -4.95 3.41
N ASN E 41 3.33 -6.21 3.24
CA ASN E 41 4.75 -6.52 3.08
C ASN E 41 5.29 -5.88 1.80
N LEU E 42 4.51 -5.93 0.71
CA LEU E 42 4.92 -5.32 -0.57
C LEU E 42 5.04 -3.81 -0.47
N VAL E 43 4.12 -3.15 0.25
CA VAL E 43 4.14 -1.71 0.49
C VAL E 43 5.39 -1.35 1.33
N LYS E 44 5.72 -2.16 2.34
CA LYS E 44 6.94 -1.94 3.14
C LYS E 44 8.22 -2.10 2.29
N MET E 45 8.24 -3.08 1.37
CA MET E 45 9.38 -3.28 0.46
C MET E 45 9.53 -2.04 -0.46
N GLN E 46 8.39 -1.41 -0.88
CA GLN E 46 8.35 -0.20 -1.73
C GLN E 46 8.98 0.97 -0.97
N GLU E 47 8.67 1.07 0.35
N GLU E 47 8.67 1.07 0.34
CA GLU E 47 9.19 2.11 1.23
CA GLU E 47 9.18 2.11 1.23
C GLU E 47 10.71 2.00 1.31
C GLU E 47 10.70 2.00 1.34
N LEU E 48 11.22 0.77 1.48
CA LEU E 48 12.64 0.45 1.56
C LEU E 48 13.37 0.76 0.26
N MET E 49 12.79 0.39 -0.90
CA MET E 49 13.39 0.72 -2.22
C MET E 49 13.45 2.25 -2.47
N SER E 50 12.40 3.00 -2.04
CA SER E 50 12.33 4.47 -2.16
C SER E 50 13.35 5.12 -1.27
N ASN E 51 13.56 4.56 -0.07
CA ASN E 51 14.53 5.07 0.88
C ASN E 51 15.93 4.93 0.27
N PHE E 52 16.19 3.78 -0.39
CA PHE E 52 17.46 3.55 -1.07
C PHE E 52 17.69 4.51 -2.23
N PHE E 53 16.68 4.72 -3.09
N PHE E 53 16.67 4.69 -3.12
CA PHE E 53 16.79 5.63 -4.23
CA PHE E 53 16.72 5.59 -4.28
C PHE E 53 17.03 7.06 -3.83
C PHE E 53 16.99 7.05 -3.86
N GLN E 54 16.45 7.47 -2.69
CA GLN E 54 16.61 8.82 -2.13
C GLN E 54 18.06 8.96 -1.63
N LYS E 55 18.63 7.85 -1.10
CA LYS E 55 20.01 7.80 -0.62
C LYS E 55 21.03 7.85 -1.76
N ILE E 56 20.65 7.41 -2.98
CA ILE E 56 21.56 7.46 -4.14
C ILE E 56 21.16 8.59 -5.12
N THR E 57 20.14 9.40 -4.76
CA THR E 57 19.55 10.53 -5.49
C THR E 57 19.00 10.07 -6.84
N GLU F 5 37.09 9.82 -11.86
CA GLU F 5 35.97 9.31 -11.06
C GLU F 5 34.72 8.95 -11.90
N GLN F 6 34.90 8.84 -13.24
CA GLN F 6 33.85 8.48 -14.21
C GLN F 6 33.28 7.07 -14.00
N ALA F 7 34.15 6.10 -13.61
CA ALA F 7 33.75 4.70 -13.38
C ALA F 7 32.77 4.57 -12.22
N ALA F 8 32.96 5.37 -11.14
CA ALA F 8 32.08 5.39 -9.96
C ALA F 8 30.70 5.90 -10.37
N GLU F 9 30.67 6.95 -11.22
CA GLU F 9 29.45 7.55 -11.74
C GLU F 9 28.71 6.58 -12.66
N ASN F 10 29.45 5.81 -13.49
CA ASN F 10 28.88 4.80 -14.39
C ASN F 10 28.23 3.66 -13.59
N TRP F 11 28.88 3.24 -12.48
CA TRP F 11 28.36 2.20 -11.60
C TRP F 11 27.06 2.66 -10.95
N ARG F 12 27.03 3.91 -10.41
CA ARG F 12 25.86 4.49 -9.76
C ARG F 12 24.67 4.59 -10.73
N ASP F 13 24.95 4.88 -12.03
CA ASP F 13 23.96 4.91 -13.12
C ASP F 13 23.41 3.50 -13.38
N ALA F 14 24.31 2.48 -13.41
CA ALA F 14 23.96 1.08 -13.64
C ALA F 14 23.09 0.55 -12.50
N MET F 15 23.41 0.95 -11.25
CA MET F 15 22.67 0.55 -10.06
C MET F 15 21.27 1.16 -10.06
N LYS F 16 21.15 2.46 -10.47
CA LYS F 16 19.85 3.14 -10.56
C LYS F 16 18.90 2.44 -11.53
N THR F 17 19.29 2.31 -12.81
CA THR F 17 18.48 1.73 -13.88
C THR F 17 17.95 0.33 -13.54
N GLU F 18 18.79 -0.54 -12.93
CA GLU F 18 18.38 -1.90 -12.56
C GLU F 18 17.54 -1.96 -11.27
N LEU F 19 17.85 -1.13 -10.25
CA LEU F 19 17.07 -1.04 -9.02
C LEU F 19 15.68 -0.44 -9.34
N GLN F 20 15.57 0.30 -10.48
CA GLN F 20 14.29 0.83 -10.98
C GLN F 20 13.43 -0.33 -11.47
N THR F 21 14.05 -1.37 -12.07
CA THR F 21 13.34 -2.59 -12.51
C THR F 21 12.73 -3.31 -11.30
N ILE F 22 13.50 -3.42 -10.20
CA ILE F 22 13.05 -4.07 -8.95
C ILE F 22 11.88 -3.26 -8.38
N ARG F 23 11.99 -1.92 -8.36
CA ARG F 23 10.92 -1.02 -7.87
C ARG F 23 9.64 -1.16 -8.68
N THR F 24 9.74 -1.21 -10.02
CA THR F 24 8.59 -1.38 -10.94
C THR F 24 7.94 -2.75 -10.70
N GLU F 25 8.74 -3.81 -10.55
CA GLU F 25 8.20 -5.15 -10.27
C GLU F 25 7.44 -5.22 -8.93
N ILE F 26 7.99 -4.60 -7.86
CA ILE F 26 7.32 -4.53 -6.56
C ILE F 26 6.02 -3.71 -6.67
N GLN F 27 6.07 -2.55 -7.37
CA GLN F 27 4.87 -1.71 -7.54
C GLN F 27 3.76 -2.45 -8.33
N GLU F 28 4.11 -3.18 -9.40
CA GLU F 28 3.14 -3.92 -10.21
C GLU F 28 2.55 -5.08 -9.42
N GLU F 29 3.36 -5.78 -8.60
CA GLU F 29 2.87 -6.87 -7.76
C GLU F 29 1.93 -6.34 -6.68
N THR F 30 2.28 -5.18 -6.07
CA THR F 30 1.42 -4.52 -5.07
C THR F 30 0.02 -4.23 -5.66
N ALA F 31 -0.03 -3.65 -6.88
CA ALA F 31 -1.27 -3.31 -7.63
C ALA F 31 -2.12 -4.56 -7.89
N ARG F 32 -1.49 -5.68 -8.29
CA ARG F 32 -2.24 -6.93 -8.55
C ARG F 32 -2.88 -7.48 -7.27
N ARG F 33 -2.15 -7.41 -6.12
CA ARG F 33 -2.66 -7.91 -4.85
C ARG F 33 -3.74 -7.00 -4.26
N GLN F 34 -3.64 -5.70 -4.51
CA GLN F 34 -4.63 -4.78 -3.97
C GLN F 34 -5.96 -4.85 -4.74
N GLU F 35 -5.92 -5.23 -6.05
CA GLU F 35 -7.12 -5.42 -6.85
C GLU F 35 -7.84 -6.73 -6.43
N GLU F 36 -7.04 -7.77 -6.17
CA GLU F 36 -7.56 -9.05 -5.67
C GLU F 36 -8.18 -8.86 -4.25
N LEU F 37 -7.52 -8.09 -3.36
CA LEU F 37 -8.06 -7.80 -2.02
C LEU F 37 -9.37 -7.03 -2.12
N ASN F 38 -9.48 -6.08 -3.08
CA ASN F 38 -10.72 -5.32 -3.27
C ASN F 38 -11.91 -6.27 -3.61
N ALA F 39 -11.67 -7.24 -4.52
CA ALA F 39 -12.67 -8.22 -4.92
C ALA F 39 -13.08 -9.14 -3.74
N GLN F 40 -12.08 -9.57 -2.94
CA GLN F 40 -12.32 -10.40 -1.75
C GLN F 40 -13.14 -9.62 -0.71
N ASN F 41 -12.83 -8.32 -0.51
CA ASN F 41 -13.55 -7.47 0.45
C ASN F 41 -15.00 -7.33 0.07
N LEU F 42 -15.30 -7.19 -1.23
CA LEU F 42 -16.66 -7.05 -1.71
C LEU F 42 -17.46 -8.33 -1.46
N VAL F 43 -16.82 -9.49 -1.74
CA VAL F 43 -17.47 -10.79 -1.55
C VAL F 43 -17.69 -11.09 -0.07
N LYS F 44 -16.65 -10.86 0.80
CA LYS F 44 -16.79 -11.10 2.22
C LYS F 44 -17.86 -10.20 2.84
N MET F 45 -17.98 -8.90 2.37
CA MET F 45 -19.01 -8.01 2.88
C MET F 45 -20.41 -8.55 2.63
N GLN F 46 -20.64 -9.11 1.44
CA GLN F 46 -21.94 -9.67 1.06
C GLN F 46 -22.29 -10.91 1.85
N GLU F 47 -21.28 -11.69 2.23
CA GLU F 47 -21.41 -12.92 3.00
C GLU F 47 -21.61 -12.65 4.50
N LEU F 48 -20.86 -11.67 5.07
CA LEU F 48 -21.00 -11.31 6.47
C LEU F 48 -22.36 -10.67 6.76
N MET F 49 -22.85 -9.82 5.83
CA MET F 49 -24.16 -9.18 5.96
C MET F 49 -25.27 -10.25 5.95
N SER F 50 -25.16 -11.25 5.04
CA SER F 50 -26.15 -12.33 4.92
C SER F 50 -26.15 -13.24 6.15
N ASN F 51 -24.95 -13.56 6.69
CA ASN F 51 -24.81 -14.40 7.89
C ASN F 51 -25.34 -13.70 9.14
N PHE F 52 -25.09 -12.37 9.29
CA PHE F 52 -25.49 -11.52 10.42
C PHE F 52 -27.00 -11.52 10.63
N PHE F 53 -27.79 -11.45 9.55
CA PHE F 53 -29.25 -11.41 9.64
C PHE F 53 -29.90 -12.81 9.72
N GLN F 54 -29.16 -13.87 9.35
CA GLN F 54 -29.64 -15.26 9.38
C GLN F 54 -29.16 -15.97 10.64
N PRO G 2 -39.27 -24.64 33.70
CA PRO G 2 -39.48 -24.83 32.25
C PRO G 2 -39.72 -26.29 31.84
N THR G 3 -40.38 -26.48 30.68
CA THR G 3 -40.70 -27.80 30.14
C THR G 3 -39.43 -28.46 29.58
N GLU G 4 -39.49 -29.77 29.29
CA GLU G 4 -38.36 -30.48 28.70
C GLU G 4 -38.01 -29.82 27.35
N GLU G 5 -39.04 -29.47 26.54
CA GLU G 5 -38.88 -28.83 25.24
C GLU G 5 -38.13 -27.48 25.32
N GLN G 6 -38.49 -26.60 26.29
CA GLN G 6 -37.83 -25.31 26.45
C GLN G 6 -36.36 -25.52 26.86
N ALA G 7 -36.13 -26.43 27.81
CA ALA G 7 -34.82 -26.75 28.35
C ALA G 7 -33.90 -27.34 27.27
N ALA G 8 -34.45 -28.20 26.39
CA ALA G 8 -33.71 -28.80 25.27
C ALA G 8 -33.28 -27.73 24.29
N GLU G 9 -34.17 -26.76 24.02
CA GLU G 9 -33.87 -25.66 23.11
C GLU G 9 -32.81 -24.72 23.72
N ASN G 10 -32.86 -24.51 25.04
CA ASN G 10 -31.86 -23.69 25.75
C ASN G 10 -30.48 -24.34 25.68
N TRP G 11 -30.44 -25.66 25.74
N TRP G 11 -30.42 -25.68 25.75
CA TRP G 11 -29.25 -26.48 25.69
CA TRP G 11 -29.15 -26.42 25.65
C TRP G 11 -28.58 -26.40 24.31
C TRP G 11 -28.55 -26.27 24.27
N ARG G 12 -29.38 -26.48 23.21
CA ARG G 12 -28.91 -26.34 21.81
C ARG G 12 -28.36 -24.93 21.60
N ASP G 13 -29.04 -23.90 22.17
CA ASP G 13 -28.60 -22.50 22.08
C ASP G 13 -27.26 -22.29 22.80
N ALA G 14 -27.08 -22.89 23.99
CA ALA G 14 -25.85 -22.80 24.79
C ALA G 14 -24.69 -23.44 24.02
N MET G 15 -24.96 -24.56 23.35
CA MET G 15 -23.99 -25.26 22.53
C MET G 15 -23.52 -24.42 21.36
N LYS G 16 -24.50 -23.82 20.63
CA LYS G 16 -24.22 -22.95 19.47
C LYS G 16 -23.35 -21.76 19.88
N THR G 17 -23.65 -21.17 21.04
CA THR G 17 -22.92 -20.01 21.59
C THR G 17 -21.47 -20.37 21.90
N GLU G 18 -21.29 -21.51 22.57
CA GLU G 18 -19.96 -22.03 22.94
C GLU G 18 -19.13 -22.33 21.73
N LEU G 19 -19.71 -22.95 20.69
CA LEU G 19 -19.00 -23.26 19.44
C LEU G 19 -18.63 -21.99 18.69
N GLN G 20 -19.47 -20.96 18.78
CA GLN G 20 -19.21 -19.66 18.16
C GLN G 20 -18.03 -19.00 18.86
N THR G 21 -17.98 -19.11 20.19
CA THR G 21 -16.90 -18.56 21.01
C THR G 21 -15.58 -19.28 20.71
N ILE G 22 -15.58 -20.62 20.60
CA ILE G 22 -14.33 -21.35 20.32
C ILE G 22 -13.87 -21.05 18.95
N ARG G 23 -14.80 -20.96 17.97
CA ARG G 23 -14.44 -20.61 16.58
C ARG G 23 -13.61 -19.31 16.57
N THR G 24 -14.10 -18.25 17.27
CA THR G 24 -13.44 -16.94 17.39
C THR G 24 -12.10 -17.04 18.13
N GLU G 25 -12.04 -17.81 19.22
CA GLU G 25 -10.81 -18.01 19.98
C GLU G 25 -9.71 -18.68 19.11
N ILE G 26 -10.08 -19.73 18.36
CA ILE G 26 -9.11 -20.41 17.48
C ILE G 26 -8.65 -19.45 16.37
N GLN G 27 -9.60 -18.72 15.76
CA GLN G 27 -9.27 -17.74 14.71
C GLN G 27 -8.33 -16.65 15.21
N GLU G 28 -8.59 -16.06 16.39
CA GLU G 28 -7.76 -15.00 16.98
C GLU G 28 -6.35 -15.52 17.30
N GLU G 29 -6.25 -16.76 17.84
CA GLU G 29 -4.95 -17.34 18.17
C GLU G 29 -4.14 -17.63 16.89
N THR G 30 -4.82 -18.18 15.86
CA THR G 30 -4.20 -18.45 14.57
C THR G 30 -3.67 -17.16 13.93
N ALA G 31 -4.47 -16.07 14.00
CA ALA G 31 -4.11 -14.76 13.42
C ALA G 31 -2.90 -14.19 14.14
N ARG G 32 -2.83 -14.33 15.47
CA ARG G 32 -1.69 -13.86 16.27
C ARG G 32 -0.38 -14.55 15.87
N ARG G 33 -0.39 -15.89 15.72
CA ARG G 33 0.77 -16.66 15.29
C ARG G 33 1.20 -16.28 13.85
N GLN G 34 0.21 -16.15 12.94
CA GLN G 34 0.44 -15.80 11.53
C GLN G 34 1.08 -14.41 11.45
N GLU G 35 0.61 -13.43 12.21
CA GLU G 35 1.19 -12.07 12.25
C GLU G 35 2.62 -12.08 12.78
N GLU G 36 2.93 -12.89 13.81
CA GLU G 36 4.29 -12.99 14.35
C GLU G 36 5.24 -13.58 13.33
N LEU G 37 4.82 -14.68 12.65
CA LEU G 37 5.66 -15.32 11.62
C LEU G 37 5.86 -14.40 10.41
N ASN G 38 4.79 -13.71 10.02
CA ASN G 38 4.87 -12.77 8.91
C ASN G 38 5.87 -11.63 9.25
N ALA G 39 5.83 -11.09 10.48
CA ALA G 39 6.73 -10.02 10.91
C ALA G 39 8.19 -10.50 10.93
N GLN G 40 8.45 -11.76 11.33
CA GLN G 40 9.81 -12.35 11.30
C GLN G 40 10.30 -12.46 9.86
N ASN G 41 9.44 -12.95 8.95
CA ASN G 41 9.78 -13.08 7.51
C ASN G 41 10.08 -11.73 6.88
N LEU G 42 9.31 -10.69 7.27
CA LEU G 42 9.49 -9.33 6.76
C LEU G 42 10.82 -8.74 7.21
N VAL G 43 11.20 -8.97 8.47
CA VAL G 43 12.48 -8.52 9.03
C VAL G 43 13.63 -9.19 8.25
N LYS G 44 13.51 -10.50 7.97
CA LYS G 44 14.56 -11.22 7.21
C LYS G 44 14.67 -10.67 5.79
N MET G 45 13.53 -10.38 5.13
CA MET G 45 13.55 -9.85 3.76
C MET G 45 14.17 -8.43 3.70
N GLN G 46 13.82 -7.56 4.68
CA GLN G 46 14.31 -6.17 4.74
C GLN G 46 15.81 -6.15 5.00
N GLU G 47 16.30 -7.10 5.85
CA GLU G 47 17.70 -7.22 6.21
C GLU G 47 18.50 -7.68 4.99
N LEU G 48 17.97 -8.69 4.24
CA LEU G 48 18.60 -9.18 3.00
C LEU G 48 18.74 -8.05 2.00
N MET G 49 17.66 -7.27 1.79
CA MET G 49 17.68 -6.17 0.84
C MET G 49 18.64 -5.06 1.24
N SER G 50 18.62 -4.62 2.53
CA SER G 50 19.51 -3.60 3.07
C SER G 50 21.00 -4.01 2.98
N ASN G 51 21.31 -5.30 3.20
CA ASN G 51 22.67 -5.84 3.10
C ASN G 51 23.19 -5.74 1.65
N PHE G 52 22.30 -5.98 0.68
CA PHE G 52 22.61 -5.91 -0.75
C PHE G 52 22.89 -4.50 -1.17
N PHE G 53 22.04 -3.57 -0.69
CA PHE G 53 22.12 -2.13 -0.98
C PHE G 53 23.42 -1.53 -0.46
N GLN G 54 23.75 -1.79 0.83
CA GLN G 54 24.95 -1.27 1.50
C GLN G 54 26.21 -1.60 0.72
N LYS G 55 26.25 -2.81 0.13
CA LYS G 55 27.34 -3.31 -0.68
C LYS G 55 27.50 -2.51 -1.97
N ILE G 56 26.45 -2.45 -2.81
CA ILE G 56 26.44 -1.77 -4.11
C ILE G 56 26.64 -0.23 -4.03
N THR G 57 26.63 0.37 -2.82
CA THR G 57 26.90 1.81 -2.62
C THR G 57 28.38 2.04 -2.38
N GLY H 1 -22.90 -50.17 31.03
CA GLY H 1 -22.36 -48.96 30.44
C GLY H 1 -22.45 -47.73 31.33
N PRO H 2 -22.01 -46.56 30.83
CA PRO H 2 -22.02 -45.34 31.67
C PRO H 2 -23.41 -44.74 31.98
N THR H 3 -23.46 -43.87 33.01
CA THR H 3 -24.67 -43.14 33.34
C THR H 3 -24.79 -42.05 32.25
N GLU H 4 -25.97 -41.42 32.14
CA GLU H 4 -26.14 -40.33 31.21
C GLU H 4 -25.13 -39.19 31.55
N GLU H 5 -24.98 -38.83 32.85
CA GLU H 5 -24.05 -37.76 33.26
C GLU H 5 -22.61 -38.05 32.86
N GLN H 6 -22.19 -39.32 32.98
N GLN H 6 -22.15 -39.31 32.98
CA GLN H 6 -20.85 -39.78 32.62
CA GLN H 6 -20.78 -39.68 32.58
C GLN H 6 -20.64 -39.75 31.10
C GLN H 6 -20.65 -39.67 31.06
N ALA H 7 -21.66 -40.21 30.35
CA ALA H 7 -21.67 -40.23 28.86
C ALA H 7 -21.62 -38.82 28.31
N ALA H 8 -22.28 -37.85 29.00
CA ALA H 8 -22.26 -36.42 28.62
C ALA H 8 -20.84 -35.90 28.74
N GLU H 9 -20.13 -36.25 29.84
CA GLU H 9 -18.73 -35.88 30.08
C GLU H 9 -17.80 -36.49 29.03
N ASN H 10 -18.05 -37.76 28.63
CA ASN H 10 -17.24 -38.43 27.59
C ASN H 10 -17.43 -37.72 26.26
N TRP H 11 -18.65 -37.22 26.00
CA TRP H 11 -18.92 -36.47 24.78
C TRP H 11 -18.22 -35.10 24.78
N ARG H 12 -18.22 -34.38 25.93
CA ARG H 12 -17.55 -33.07 26.05
C ARG H 12 -16.05 -33.27 25.81
N ASP H 13 -15.48 -34.37 26.33
CA ASP H 13 -14.06 -34.71 26.13
C ASP H 13 -13.76 -35.02 24.64
N ALA H 14 -14.66 -35.77 23.97
CA ALA H 14 -14.51 -36.09 22.55
C ALA H 14 -14.58 -34.82 21.70
N MET H 15 -15.45 -33.88 22.10
CA MET H 15 -15.62 -32.58 21.42
C MET H 15 -14.38 -31.73 21.59
N LYS H 16 -13.83 -31.69 22.83
CA LYS H 16 -12.60 -30.94 23.12
C LYS H 16 -11.45 -31.47 22.26
N THR H 17 -11.33 -32.80 22.13
CA THR H 17 -10.29 -33.45 21.32
C THR H 17 -10.40 -33.04 19.85
N GLU H 18 -11.63 -33.07 19.29
CA GLU H 18 -11.89 -32.69 17.90
C GLU H 18 -11.54 -31.22 17.67
N LEU H 19 -11.91 -30.33 18.61
CA LEU H 19 -11.62 -28.91 18.47
C LEU H 19 -10.14 -28.60 18.63
N GLN H 20 -9.43 -29.38 19.48
CA GLN H 20 -7.98 -29.24 19.64
C GLN H 20 -7.26 -29.72 18.36
N THR H 21 -7.80 -30.77 17.71
CA THR H 21 -7.25 -31.28 16.45
C THR H 21 -7.39 -30.21 15.35
N ILE H 22 -8.58 -29.57 15.26
CA ILE H 22 -8.85 -28.52 14.28
C ILE H 22 -7.86 -27.36 14.51
N ARG H 23 -7.73 -26.88 15.77
CA ARG H 23 -6.80 -25.81 16.14
C ARG H 23 -5.34 -26.13 15.69
N THR H 24 -4.84 -27.34 16.02
CA THR H 24 -3.47 -27.77 15.69
C THR H 24 -3.24 -27.86 14.19
N GLU H 25 -4.19 -28.50 13.47
CA GLU H 25 -4.08 -28.68 12.02
C GLU H 25 -4.11 -27.35 11.29
N ILE H 26 -4.99 -26.43 11.68
CA ILE H 26 -5.07 -25.11 11.04
C ILE H 26 -3.79 -24.33 11.31
N GLN H 27 -3.30 -24.34 12.56
CA GLN H 27 -2.08 -23.59 12.88
C GLN H 27 -0.85 -24.12 12.11
N GLU H 28 -0.72 -25.45 12.03
CA GLU H 28 0.38 -26.07 11.30
C GLU H 28 0.31 -25.75 9.80
N GLU H 29 -0.90 -25.79 9.22
CA GLU H 29 -1.07 -25.53 7.79
C GLU H 29 -0.83 -24.06 7.50
N THR H 30 -1.28 -23.16 8.40
CA THR H 30 -1.02 -21.71 8.25
C THR H 30 0.48 -21.45 8.20
N ALA H 31 1.24 -22.03 9.13
CA ALA H 31 2.71 -21.86 9.18
C ALA H 31 3.37 -22.39 7.91
N ARG H 32 2.93 -23.58 7.38
CA ARG H 32 3.50 -24.15 6.14
C ARG H 32 3.25 -23.25 4.92
N ARG H 33 2.04 -22.68 4.82
N ARG H 33 2.04 -22.66 4.81
CA ARG H 33 1.64 -21.80 3.72
CA ARG H 33 1.67 -21.78 3.71
C ARG H 33 2.44 -20.49 3.75
C ARG H 33 2.50 -20.51 3.75
N GLN H 34 2.73 -19.97 4.96
CA GLN H 34 3.53 -18.75 5.11
C GLN H 34 4.98 -19.01 4.67
N GLU H 35 5.52 -20.17 5.00
CA GLU H 35 6.86 -20.58 4.60
C GLU H 35 6.93 -20.86 3.08
N GLU H 36 5.88 -21.45 2.50
CA GLU H 36 5.79 -21.68 1.05
C GLU H 36 5.73 -20.33 0.31
N LEU H 37 4.96 -19.36 0.80
CA LEU H 37 4.89 -18.04 0.16
C LEU H 37 6.21 -17.32 0.26
N ASN H 38 6.88 -17.44 1.41
CA ASN H 38 8.18 -16.79 1.58
C ASN H 38 9.21 -17.41 0.58
N ALA H 39 9.20 -18.73 0.38
CA ALA H 39 10.08 -19.41 -0.59
C ALA H 39 9.75 -19.00 -2.04
N GLN H 40 8.45 -18.85 -2.40
CA GLN H 40 8.04 -18.34 -3.73
C GLN H 40 8.53 -16.89 -3.96
N ASN H 41 8.46 -16.04 -2.91
CA ASN H 41 8.95 -14.65 -3.00
C ASN H 41 10.46 -14.62 -3.22
N LEU H 42 11.18 -15.54 -2.54
CA LEU H 42 12.65 -15.62 -2.71
C LEU H 42 13.04 -16.10 -4.11
N VAL H 43 12.25 -17.01 -4.71
CA VAL H 43 12.48 -17.47 -6.09
C VAL H 43 12.30 -16.28 -7.06
N LYS H 44 11.25 -15.48 -6.84
CA LYS H 44 10.99 -14.27 -7.67
C LYS H 44 12.13 -13.27 -7.56
N MET H 45 12.59 -13.01 -6.33
CA MET H 45 13.71 -12.08 -6.07
C MET H 45 15.01 -12.60 -6.66
N GLN H 46 15.22 -13.92 -6.59
CA GLN H 46 16.41 -14.55 -7.17
C GLN H 46 16.45 -14.37 -8.69
N GLU H 47 15.31 -14.50 -9.37
CA GLU H 47 15.21 -14.32 -10.82
C GLU H 47 15.43 -12.84 -11.23
N LEU H 48 15.06 -11.90 -10.34
CA LEU H 48 15.31 -10.46 -10.59
C LEU H 48 16.81 -10.21 -10.40
N MET H 49 17.43 -10.87 -9.38
CA MET H 49 18.85 -10.83 -9.06
C MET H 49 19.67 -11.47 -10.20
N SER H 50 19.20 -12.60 -10.75
CA SER H 50 19.82 -13.36 -11.85
C SER H 50 19.92 -12.52 -13.14
N ASN H 51 18.90 -11.67 -13.38
CA ASN H 51 18.80 -10.76 -14.51
C ASN H 51 19.59 -9.47 -14.22
N PHE H 52 19.59 -9.00 -12.94
CA PHE H 52 20.37 -7.86 -12.50
C PHE H 52 21.85 -8.16 -12.74
N PHE H 53 22.29 -9.41 -12.42
CA PHE H 53 23.68 -9.85 -12.61
C PHE H 53 24.11 -9.86 -14.09
N GLN H 54 23.20 -10.25 -15.00
CA GLN H 54 23.48 -10.35 -16.43
C GLN H 54 23.26 -9.02 -17.18
N LYS H 55 22.79 -7.99 -16.46
CA LYS H 55 22.60 -6.64 -16.97
C LYS H 55 23.86 -5.82 -16.69
N ILE H 56 24.56 -6.14 -15.57
CA ILE H 56 25.80 -5.46 -15.16
C ILE H 56 27.05 -6.36 -15.41
N THR H 57 26.94 -7.31 -16.35
CA THR H 57 28.08 -8.20 -16.70
C THR H 57 28.85 -7.68 -17.91
#